data_4BZQ
#
_entry.id   4BZQ
#
_cell.length_a   63.930
_cell.length_b   70.110
_cell.length_c   79.280
_cell.angle_alpha   90.00
_cell.angle_beta   90.00
_cell.angle_gamma   90.00
#
_symmetry.space_group_name_H-M   'P 21 21 21'
#
loop_
_entity.id
_entity.type
_entity.pdbx_description
1 polymer 'BIFUNCTIONAL ENZYME CYSN/CYSC'
2 non-polymer "ADENOSINE-5'-PHOSPHOSULFATE"
3 non-polymer "ADENOSINE-5'-DIPHOSPHATE"
4 non-polymer 'CITRIC ACID'
5 non-polymer 1,2-ETHANEDIOL
6 water water
#
_entity_poly.entity_id   1
_entity_poly.type   'polypeptide(L)'
_entity_poly.pdbx_seq_one_letter_code
;PPRGKTVWFTGLSGSGKSSVAMLVERKLLEKGISAYVLDGDNLRHGLNADLGFSMADRAENLRRLSHVATLLADCGHLVL
VPAISPLAEHRALARKVHADAGIDFFEVFCDTPLQDCERRDPKGLYAKARAGEITHFTGIDSPYQRPKNPDLRLTPDRSI
DEQAQEVIDLLES
;
_entity_poly.pdbx_strand_id   A,B
#
loop_
_chem_comp.id
_chem_comp.type
_chem_comp.name
_chem_comp.formula
ADP non-polymer ADENOSINE-5'-DIPHOSPHATE 'C10 H15 N5 O10 P2'
ADX RNA linking ADENOSINE-5'-PHOSPHOSULFATE 'C10 H14 N5 O10 P S'
CIT non-polymer 'CITRIC ACID' 'C6 H8 O7'
EDO non-polymer 1,2-ETHANEDIOL 'C2 H6 O2'
#
# COMPACT_ATOMS: atom_id res chain seq x y z
N PRO A 1 11.83 13.63 6.75
CA PRO A 1 12.14 13.65 5.29
C PRO A 1 11.21 14.59 4.49
N PRO A 2 11.74 15.26 3.47
CA PRO A 2 10.82 16.04 2.64
C PRO A 2 9.91 15.10 1.90
N ARG A 3 8.77 15.58 1.50
CA ARG A 3 7.77 14.69 0.91
C ARG A 3 8.05 14.37 -0.54
N GLY A 4 7.70 13.17 -0.90
CA GLY A 4 8.01 12.62 -2.21
C GLY A 4 7.02 13.16 -3.24
N LYS A 5 7.03 12.54 -4.41
CA LYS A 5 6.11 12.87 -5.48
C LYS A 5 5.81 11.65 -6.29
N THR A 6 4.79 11.78 -7.14
CA THR A 6 4.39 10.64 -7.97
C THR A 6 4.48 10.89 -9.44
N VAL A 7 5.07 9.92 -10.13
CA VAL A 7 5.04 9.90 -11.58
C VAL A 7 4.16 8.76 -12.03
N TRP A 8 3.09 9.15 -12.70
CA TRP A 8 2.04 8.23 -13.12
C TRP A 8 2.12 8.00 -14.63
N PHE A 9 2.40 6.78 -15.06
N PHE A 9 2.39 6.78 -15.04
CA PHE A 9 2.57 6.46 -16.46
CA PHE A 9 2.49 6.47 -16.41
C PHE A 9 1.31 5.84 -16.99
C PHE A 9 1.06 6.07 -16.85
N THR A 10 0.77 6.37 -18.09
CA THR A 10 -0.38 5.83 -18.74
C THR A 10 -0.01 5.47 -20.19
N GLY A 11 -0.62 4.41 -20.69
CA GLY A 11 -0.42 4.05 -22.07
C GLY A 11 -0.83 2.64 -22.30
N LEU A 12 -0.90 2.28 -23.59
CA LEU A 12 -1.21 0.92 -24.00
C LEU A 12 -0.27 -0.13 -23.39
N SER A 13 -0.74 -1.36 -23.35
CA SER A 13 0.10 -2.46 -23.03
C SER A 13 1.24 -2.53 -24.04
N GLY A 14 2.46 -2.71 -23.53
CA GLY A 14 3.64 -2.74 -24.35
C GLY A 14 4.14 -1.39 -24.88
N SER A 15 3.66 -0.31 -24.31
CA SER A 15 4.12 1.02 -24.71
C SER A 15 5.42 1.47 -24.01
N GLY A 16 5.91 0.72 -23.02
CA GLY A 16 7.19 1.00 -22.34
C GLY A 16 7.06 1.51 -20.91
N LYS A 17 5.88 1.41 -20.35
CA LYS A 17 5.64 2.02 -19.01
C LYS A 17 6.57 1.45 -17.94
N SER A 18 6.53 0.15 -17.79
CA SER A 18 7.34 -0.52 -16.80
CA SER A 18 7.32 -0.50 -16.77
C SER A 18 8.81 -0.37 -17.06
N SER A 19 9.22 -0.48 -18.32
CA SER A 19 10.65 -0.35 -18.65
C SER A 19 11.22 1.02 -18.29
N VAL A 20 10.51 2.07 -18.72
CA VAL A 20 10.92 3.35 -18.36
C VAL A 20 10.92 3.50 -16.83
N ALA A 21 9.87 3.04 -16.21
CA ALA A 21 9.73 3.25 -14.76
C ALA A 21 10.88 2.59 -14.02
N MET A 22 11.24 1.39 -14.43
CA MET A 22 12.27 0.64 -13.73
C MET A 22 13.61 1.36 -13.90
N LEU A 23 13.86 1.80 -15.13
CA LEU A 23 15.08 2.47 -15.40
C LEU A 23 15.18 3.81 -14.64
N VAL A 24 14.10 4.58 -14.62
CA VAL A 24 14.07 5.79 -13.80
C VAL A 24 14.39 5.45 -12.34
N GLU A 25 13.78 4.37 -11.83
CA GLU A 25 14.02 3.96 -10.44
C GLU A 25 15.52 3.74 -10.19
N ARG A 26 16.15 2.98 -11.07
CA ARG A 26 17.53 2.62 -10.89
C ARG A 26 18.41 3.86 -10.94
N LYS A 27 18.13 4.75 -11.89
CA LYS A 27 18.93 5.94 -12.03
C LYS A 27 18.87 6.78 -10.79
N LEU A 28 17.66 6.95 -10.25
CA LEU A 28 17.49 7.75 -9.07
C LEU A 28 18.18 7.13 -7.89
N LEU A 29 18.04 5.83 -7.74
CA LEU A 29 18.56 5.18 -6.57
C LEU A 29 20.08 5.29 -6.59
N GLU A 30 20.67 5.15 -7.76
CA GLU A 30 22.11 5.27 -7.89
C GLU A 30 22.63 6.62 -7.50
N LYS A 31 21.79 7.63 -7.48
CA LYS A 31 22.20 8.97 -7.03
C LYS A 31 21.69 9.33 -5.65
N GLY A 32 21.38 8.30 -4.84
CA GLY A 32 20.87 8.50 -3.48
C GLY A 32 19.54 9.20 -3.42
N ILE A 33 18.73 9.01 -4.45
CA ILE A 33 17.34 9.47 -4.41
C ILE A 33 16.42 8.27 -4.26
N SER A 34 15.62 8.29 -3.21
CA SER A 34 14.80 7.19 -2.85
C SER A 34 13.58 7.11 -3.81
N ALA A 35 13.56 6.11 -4.65
CA ALA A 35 12.51 5.96 -5.64
C ALA A 35 11.93 4.60 -5.49
N TYR A 36 10.66 4.44 -5.85
CA TYR A 36 10.02 3.16 -5.79
C TYR A 36 8.95 2.98 -6.87
N VAL A 37 9.00 1.85 -7.53
CA VAL A 37 8.03 1.53 -8.51
C VAL A 37 6.82 0.73 -7.96
N LEU A 38 5.61 1.25 -8.15
CA LEU A 38 4.34 0.47 -7.88
C LEU A 38 3.78 -0.02 -9.19
N ASP A 39 4.17 -1.23 -9.60
CA ASP A 39 3.82 -1.67 -10.94
C ASP A 39 2.45 -2.35 -10.95
N GLY A 40 1.57 -1.91 -11.84
CA GLY A 40 0.18 -2.38 -11.95
C GLY A 40 0.09 -3.89 -12.07
N ASP A 41 0.89 -4.41 -13.00
CA ASP A 41 0.96 -5.85 -13.24
C ASP A 41 1.47 -6.65 -12.02
N ASN A 42 2.52 -6.20 -11.35
CA ASN A 42 3.07 -6.90 -10.19
CA ASN A 42 3.04 -6.91 -10.22
C ASN A 42 2.07 -6.90 -9.01
N LEU A 43 1.49 -5.74 -8.74
CA LEU A 43 0.60 -5.60 -7.63
C LEU A 43 -0.68 -6.36 -7.88
N ARG A 44 -1.02 -6.59 -9.15
CA ARG A 44 -2.17 -7.44 -9.48
C ARG A 44 -1.96 -8.87 -9.01
N HIS A 45 -0.76 -9.23 -8.61
CA HIS A 45 -0.48 -10.53 -8.01
C HIS A 45 -0.48 -10.54 -6.50
N GLY A 46 -0.76 -9.39 -5.86
CA GLY A 46 -0.86 -9.39 -4.41
C GLY A 46 -1.99 -8.50 -3.96
N LEU A 47 -1.66 -7.24 -3.69
CA LEU A 47 -2.66 -6.29 -3.21
C LEU A 47 -3.91 -6.31 -4.07
N ASN A 48 -3.72 -6.37 -5.41
CA ASN A 48 -4.85 -6.27 -6.27
C ASN A 48 -5.21 -7.58 -6.94
N ALA A 49 -4.82 -8.69 -6.30
CA ALA A 49 -5.04 -10.03 -6.85
C ALA A 49 -6.50 -10.36 -7.01
N ASP A 50 -7.36 -9.60 -6.34
CA ASP A 50 -8.79 -9.83 -6.35
C ASP A 50 -9.48 -9.06 -7.50
N LEU A 51 -8.72 -8.39 -8.35
CA LEU A 51 -9.36 -7.55 -9.35
C LEU A 51 -9.03 -8.09 -10.74
N GLY A 52 -10.00 -7.99 -11.63
CA GLY A 52 -9.81 -8.30 -13.05
C GLY A 52 -9.74 -7.06 -13.91
N PHE A 53 -10.30 -7.15 -15.12
CA PHE A 53 -10.16 -6.07 -16.11
C PHE A 53 -11.46 -5.45 -16.58
N SER A 54 -12.55 -5.72 -15.89
CA SER A 54 -13.77 -4.93 -16.04
C SER A 54 -13.40 -3.51 -15.75
N MET A 55 -14.12 -2.57 -16.36
CA MET A 55 -13.88 -1.15 -16.07
C MET A 55 -13.96 -0.80 -14.58
N ALA A 56 -14.91 -1.40 -13.89
CA ALA A 56 -15.04 -1.24 -12.43
C ALA A 56 -13.79 -1.73 -11.64
N ASP A 57 -13.25 -2.91 -11.97
CA ASP A 57 -12.08 -3.41 -11.30
C ASP A 57 -10.84 -2.58 -11.63
N ARG A 58 -10.70 -2.15 -12.90
CA ARG A 58 -9.61 -1.29 -13.24
C ARG A 58 -9.69 0.01 -12.44
N ALA A 59 -10.87 0.60 -12.33
CA ALA A 59 -11.00 1.83 -11.50
C ALA A 59 -10.58 1.61 -10.04
N GLU A 60 -10.95 0.44 -9.53
CA GLU A 60 -10.67 0.10 -8.13
C GLU A 60 -9.17 -0.11 -7.96
N ASN A 61 -8.57 -0.85 -8.91
CA ASN A 61 -7.17 -1.11 -8.98
C ASN A 61 -6.40 0.20 -8.93
N LEU A 62 -6.76 1.09 -9.85
CA LEU A 62 -6.12 2.37 -9.93
C LEU A 62 -6.42 3.29 -8.71
N ARG A 63 -7.63 3.21 -8.16
CA ARG A 63 -7.94 3.96 -6.90
C ARG A 63 -7.00 3.52 -5.76
N ARG A 64 -6.87 2.22 -5.60
CA ARG A 64 -6.01 1.69 -4.61
C ARG A 64 -4.62 2.14 -4.82
N LEU A 65 -4.12 1.93 -6.04
CA LEU A 65 -2.78 2.35 -6.36
C LEU A 65 -2.55 3.81 -6.07
N SER A 66 -3.52 4.66 -6.33
CA SER A 66 -3.33 6.06 -6.10
C SER A 66 -3.10 6.33 -4.58
N HIS A 67 -3.83 5.64 -3.70
CA HIS A 67 -3.68 5.83 -2.25
C HIS A 67 -2.37 5.36 -1.76
N VAL A 68 -1.88 4.26 -2.33
CA VAL A 68 -0.61 3.70 -1.91
C VAL A 68 0.53 4.63 -2.34
N ALA A 69 0.42 5.13 -3.56
CA ALA A 69 1.40 6.10 -4.04
C ALA A 69 1.48 7.28 -3.07
N THR A 70 0.35 7.86 -2.68
CA THR A 70 0.41 9.09 -1.84
C THR A 70 1.02 8.78 -0.52
N LEU A 71 0.81 7.56 -0.09
CA LEU A 71 1.34 7.20 1.18
C LEU A 71 2.81 6.95 1.14
N LEU A 72 3.28 6.28 0.11
CA LEU A 72 4.72 6.18 -0.05
C LEU A 72 5.38 7.54 -0.33
N ALA A 73 4.70 8.40 -1.07
CA ALA A 73 5.20 9.76 -1.35
C ALA A 73 5.34 10.56 -0.04
N ASP A 74 4.33 10.49 0.80
CA ASP A 74 4.37 11.11 2.09
C ASP A 74 5.58 10.66 2.91
N CYS A 75 5.98 9.41 2.77
CA CYS A 75 7.19 8.91 3.41
C CYS A 75 8.47 9.39 2.77
N GLY A 76 8.39 10.28 1.80
CA GLY A 76 9.57 10.82 1.13
C GLY A 76 10.07 10.14 -0.15
N HIS A 77 9.36 9.14 -0.66
CA HIS A 77 9.79 8.48 -1.88
C HIS A 77 9.29 9.16 -3.14
N LEU A 78 10.06 8.94 -4.19
CA LEU A 78 9.63 9.28 -5.53
C LEU A 78 8.97 8.05 -6.11
N VAL A 79 7.66 8.11 -6.28
CA VAL A 79 6.89 6.97 -6.65
C VAL A 79 6.64 6.90 -8.18
N LEU A 80 6.93 5.75 -8.80
CA LEU A 80 6.71 5.60 -10.20
C LEU A 80 5.61 4.57 -10.39
N VAL A 81 4.51 4.98 -11.03
CA VAL A 81 3.33 4.09 -11.25
C VAL A 81 3.04 3.82 -12.71
N PRO A 82 3.62 2.71 -13.24
CA PRO A 82 3.23 2.28 -14.54
C PRO A 82 2.00 1.42 -14.46
N ALA A 83 0.94 1.91 -15.03
CA ALA A 83 -0.30 1.19 -15.12
C ALA A 83 -1.04 1.78 -16.30
N ILE A 84 -1.78 0.96 -17.01
CA ILE A 84 -2.40 1.40 -18.24
C ILE A 84 -3.24 2.64 -18.05
N SER A 85 -4.06 2.63 -17.01
CA SER A 85 -4.94 3.79 -16.72
C SER A 85 -5.74 4.22 -17.97
N PRO A 86 -6.55 3.32 -18.51
CA PRO A 86 -7.08 3.54 -19.88
C PRO A 86 -8.10 4.70 -20.05
N LEU A 87 -8.74 5.14 -18.98
CA LEU A 87 -9.75 6.20 -19.05
C LEU A 87 -9.29 7.52 -18.45
N ALA A 88 -9.71 8.61 -19.09
CA ALA A 88 -9.38 9.93 -18.57
C ALA A 88 -9.75 10.03 -17.07
N GLU A 89 -10.91 9.48 -16.74
CA GLU A 89 -11.44 9.57 -15.39
C GLU A 89 -10.54 8.81 -14.38
N HIS A 90 -9.88 7.74 -14.85
CA HIS A 90 -8.89 7.03 -14.04
C HIS A 90 -7.73 7.94 -13.67
N ARG A 91 -7.18 8.61 -14.65
CA ARG A 91 -6.12 9.60 -14.37
C ARG A 91 -6.59 10.79 -13.55
N ALA A 92 -7.80 11.23 -13.78
CA ALA A 92 -8.35 12.38 -13.04
C ALA A 92 -8.53 11.97 -11.61
N LEU A 93 -9.05 10.78 -11.36
CA LEU A 93 -9.15 10.26 -9.99
C LEU A 93 -7.80 10.21 -9.24
N ALA A 94 -6.79 9.62 -9.86
CA ALA A 94 -5.46 9.54 -9.26
C ALA A 94 -4.94 10.92 -8.96
N ARG A 95 -5.07 11.82 -9.91
CA ARG A 95 -4.65 13.19 -9.72
C ARG A 95 -5.32 13.84 -8.51
N LYS A 96 -6.59 13.54 -8.32
CA LYS A 96 -7.37 14.14 -7.25
C LYS A 96 -6.97 13.57 -5.90
N VAL A 97 -6.71 12.27 -5.87
CA VAL A 97 -6.24 11.66 -4.66
C VAL A 97 -4.92 12.34 -4.27
N HIS A 98 -4.10 12.67 -5.26
CA HIS A 98 -2.84 13.31 -4.99
C HIS A 98 -3.02 14.77 -4.56
N ALA A 99 -3.89 15.49 -5.26
CA ALA A 99 -4.21 16.90 -4.92
C ALA A 99 -4.65 16.94 -3.48
N ASP A 100 -5.64 16.12 -3.16
CA ASP A 100 -6.14 16.03 -1.80
C ASP A 100 -5.08 15.70 -0.77
N ALA A 101 -4.05 14.94 -1.12
CA ALA A 101 -3.03 14.56 -0.15
C ALA A 101 -1.86 15.56 -0.18
N GLY A 102 -1.97 16.56 -1.08
CA GLY A 102 -0.96 17.58 -1.22
C GLY A 102 0.35 17.02 -1.74
N ILE A 103 0.26 16.01 -2.63
CA ILE A 103 1.46 15.38 -3.23
C ILE A 103 1.51 15.75 -4.71
N ASP A 104 2.69 16.19 -5.15
CA ASP A 104 2.91 16.51 -6.54
C ASP A 104 2.71 15.27 -7.42
N PHE A 105 2.04 15.50 -8.54
CA PHE A 105 1.61 14.45 -9.41
C PHE A 105 1.97 14.82 -10.83
N PHE A 106 2.69 13.94 -11.51
CA PHE A 106 3.07 14.19 -12.87
C PHE A 106 2.53 13.06 -13.70
N GLU A 107 1.96 13.41 -14.85
CA GLU A 107 1.44 12.41 -15.78
C GLU A 107 2.36 12.23 -16.99
N VAL A 108 2.80 11.00 -17.22
CA VAL A 108 3.64 10.68 -18.36
C VAL A 108 2.84 9.76 -19.26
N PHE A 109 2.67 10.14 -20.53
CA PHE A 109 1.96 9.33 -21.54
C PHE A 109 3.02 8.62 -22.40
N CYS A 110 3.02 7.29 -22.36
CA CYS A 110 3.91 6.47 -23.18
C CYS A 110 3.17 6.21 -24.46
N ASP A 111 3.35 7.16 -25.38
CA ASP A 111 2.55 7.26 -26.56
C ASP A 111 3.25 6.49 -27.63
N THR A 112 3.16 5.17 -27.56
CA THR A 112 3.59 4.29 -28.63
C THR A 112 2.30 3.79 -29.34
N PRO A 113 2.27 3.88 -30.69
CA PRO A 113 1.10 3.44 -31.47
C PRO A 113 0.80 1.99 -31.33
N LEU A 114 -0.50 1.67 -31.41
CA LEU A 114 -0.98 0.33 -31.22
C LEU A 114 -0.18 -0.60 -32.05
N GLN A 115 0.00 -0.19 -33.29
CA GLN A 115 0.71 -1.01 -34.24
C GLN A 115 2.10 -1.36 -33.75
N ASP A 116 2.78 -0.38 -33.18
CA ASP A 116 4.12 -0.60 -32.66
C ASP A 116 4.05 -1.49 -31.45
N CYS A 117 3.06 -1.25 -30.57
CA CYS A 117 2.89 -2.09 -29.34
C CYS A 117 2.61 -3.53 -29.70
N GLU A 118 1.79 -3.75 -30.72
CA GLU A 118 1.46 -5.10 -31.19
C GLU A 118 2.68 -5.70 -31.83
N ARG A 119 3.37 -4.89 -32.63
CA ARG A 119 4.55 -5.38 -33.32
C ARG A 119 5.66 -5.70 -32.31
N ARG A 120 5.72 -4.97 -31.18
CA ARG A 120 6.60 -5.39 -30.09
C ARG A 120 6.03 -6.70 -29.55
N ASP A 121 4.78 -6.64 -29.08
CA ASP A 121 4.07 -7.74 -28.40
C ASP A 121 4.89 -8.63 -27.40
N PRO A 122 5.46 -8.03 -26.36
CA PRO A 122 6.40 -8.76 -25.51
C PRO A 122 5.91 -9.92 -24.68
N LYS A 123 4.66 -9.92 -24.22
CA LYS A 123 4.12 -11.06 -23.47
C LYS A 123 3.12 -11.90 -24.29
N GLY A 124 3.07 -11.67 -25.60
CA GLY A 124 2.14 -12.43 -26.47
C GLY A 124 0.69 -12.08 -26.31
N LEU A 125 0.38 -10.99 -25.64
CA LEU A 125 -1.02 -10.76 -25.28
C LEU A 125 -1.86 -10.22 -26.43
N TYR A 126 -1.27 -9.41 -27.29
CA TYR A 126 -2.00 -8.91 -28.45
C TYR A 126 -2.44 -10.07 -29.36
N ALA A 127 -1.51 -10.98 -29.63
CA ALA A 127 -1.81 -12.19 -30.38
C ALA A 127 -2.98 -12.97 -29.75
N LYS A 128 -2.94 -13.22 -28.45
CA LYS A 128 -4.07 -13.89 -27.79
C LYS A 128 -5.36 -13.12 -27.97
N ALA A 129 -5.26 -11.80 -27.82
CA ALA A 129 -6.44 -10.96 -27.98
C ALA A 129 -7.00 -11.04 -29.43
N ARG A 130 -6.15 -10.99 -30.43
CA ARG A 130 -6.60 -11.08 -31.82
C ARG A 130 -7.27 -12.43 -32.06
N ALA A 131 -6.77 -13.46 -31.39
CA ALA A 131 -7.28 -14.79 -31.58
C ALA A 131 -8.57 -15.01 -30.83
N GLY A 132 -8.98 -14.08 -29.99
CA GLY A 132 -10.16 -14.28 -29.15
C GLY A 132 -9.89 -15.03 -27.88
N GLU A 133 -8.62 -15.24 -27.52
CA GLU A 133 -8.31 -15.99 -26.31
C GLU A 133 -8.28 -15.13 -25.06
N ILE A 134 -8.16 -13.82 -25.23
CA ILE A 134 -8.38 -12.88 -24.15
C ILE A 134 -9.41 -11.89 -24.67
N THR A 135 -10.27 -11.39 -23.79
CA THR A 135 -11.24 -10.37 -24.16
C THR A 135 -11.07 -9.16 -23.26
N HIS A 136 -11.66 -8.06 -23.70
CA HIS A 136 -11.59 -6.78 -23.01
C HIS A 136 -10.14 -6.32 -22.87
N PHE A 137 -9.37 -6.56 -23.90
CA PHE A 137 -7.99 -6.16 -23.91
C PHE A 137 -7.84 -4.74 -24.45
N THR A 138 -7.25 -3.89 -23.64
CA THR A 138 -7.05 -2.47 -23.95
C THR A 138 -6.49 -2.23 -25.35
N GLY A 139 -7.12 -1.33 -26.08
CA GLY A 139 -6.71 -1.04 -27.46
C GLY A 139 -7.27 -1.97 -28.56
N ILE A 140 -7.85 -3.11 -28.19
CA ILE A 140 -8.38 -4.09 -29.15
C ILE A 140 -9.90 -4.11 -29.02
N ASP A 141 -10.42 -4.46 -27.83
CA ASP A 141 -11.86 -4.42 -27.56
C ASP A 141 -12.16 -3.88 -26.16
N SER A 142 -11.31 -2.96 -25.71
CA SER A 142 -11.54 -2.21 -24.50
C SER A 142 -10.89 -0.87 -24.78
N PRO A 143 -11.45 0.23 -24.30
CA PRO A 143 -10.92 1.47 -24.89
C PRO A 143 -9.66 2.01 -24.22
N TYR A 144 -8.97 2.90 -24.92
CA TYR A 144 -7.93 3.71 -24.40
C TYR A 144 -8.22 5.16 -24.79
N GLN A 145 -8.48 5.99 -23.79
CA GLN A 145 -8.61 7.42 -24.01
C GLN A 145 -7.26 8.10 -23.87
N ARG A 146 -6.84 8.74 -24.95
CA ARG A 146 -5.54 9.37 -25.01
C ARG A 146 -5.53 10.61 -24.16
N PRO A 147 -4.54 10.74 -23.27
CA PRO A 147 -4.41 11.98 -22.47
C PRO A 147 -4.28 13.19 -23.39
N LYS A 148 -4.97 14.27 -23.04
CA LYS A 148 -4.93 15.51 -23.80
C LYS A 148 -3.78 16.40 -23.38
N ASN A 149 -3.34 16.28 -22.14
CA ASN A 149 -2.30 17.17 -21.66
C ASN A 149 -1.34 16.56 -20.66
N PRO A 150 -0.65 15.51 -21.05
CA PRO A 150 0.31 14.95 -20.09
C PRO A 150 1.48 15.89 -19.81
N ASP A 151 2.12 15.74 -18.67
CA ASP A 151 3.29 16.57 -18.37
C ASP A 151 4.44 16.24 -19.30
N LEU A 152 4.47 14.99 -19.77
CA LEU A 152 5.54 14.52 -20.62
C LEU A 152 4.94 13.44 -21.53
N ARG A 153 5.25 13.51 -22.83
CA ARG A 153 4.88 12.49 -23.75
C ARG A 153 6.15 11.86 -24.24
N LEU A 154 6.25 10.57 -24.01
CA LEU A 154 7.35 9.76 -24.48
C LEU A 154 6.92 9.06 -25.74
N THR A 155 7.82 9.05 -26.73
CA THR A 155 7.52 8.52 -28.05
C THR A 155 8.58 7.51 -28.41
N PRO A 156 8.30 6.62 -29.38
CA PRO A 156 9.32 5.61 -29.63
C PRO A 156 10.49 6.13 -30.47
N ASP A 157 10.79 7.42 -30.40
CA ASP A 157 12.00 7.99 -30.94
C ASP A 157 13.35 7.67 -30.21
N ARG A 158 13.36 7.31 -28.92
CA ARG A 158 14.66 7.23 -28.20
C ARG A 158 14.85 5.90 -27.50
N SER A 159 16.06 5.66 -26.99
CA SER A 159 16.28 4.48 -26.19
C SER A 159 15.52 4.63 -24.86
N ILE A 160 15.29 3.50 -24.22
CA ILE A 160 14.62 3.52 -22.92
C ILE A 160 15.44 4.40 -21.95
N ASP A 161 16.77 4.26 -21.98
CA ASP A 161 17.69 5.06 -21.13
C ASP A 161 17.42 6.56 -21.29
N GLU A 162 17.24 6.99 -22.52
CA GLU A 162 17.03 8.40 -22.79
C GLU A 162 15.64 8.82 -22.37
N GLN A 163 14.67 7.93 -22.52
CA GLN A 163 13.34 8.24 -22.04
C GLN A 163 13.33 8.41 -20.51
N ALA A 164 14.03 7.54 -19.81
CA ALA A 164 14.19 7.66 -18.39
C ALA A 164 14.78 9.01 -18.01
N GLN A 165 15.83 9.39 -18.73
CA GLN A 165 16.49 10.67 -18.48
C GLN A 165 15.51 11.83 -18.66
N GLU A 166 14.60 11.76 -19.64
CA GLU A 166 13.59 12.83 -19.79
C GLU A 166 12.62 12.93 -18.60
N VAL A 167 12.25 11.77 -18.06
CA VAL A 167 11.43 11.76 -16.86
C VAL A 167 12.20 12.45 -15.74
N ILE A 168 13.44 12.08 -15.60
CA ILE A 168 14.29 12.69 -14.58
C ILE A 168 14.43 14.18 -14.80
N ASP A 169 14.68 14.62 -16.03
CA ASP A 169 14.77 16.06 -16.29
C ASP A 169 13.47 16.78 -15.93
N LEU A 170 12.35 16.14 -16.16
CA LEU A 170 11.08 16.71 -15.79
C LEU A 170 11.00 16.93 -14.28
N LEU A 171 11.41 15.92 -13.54
CA LEU A 171 11.46 16.00 -12.08
C LEU A 171 12.47 17.03 -11.54
N GLU A 172 13.53 17.26 -12.29
CA GLU A 172 14.60 18.13 -11.77
C GLU A 172 14.52 19.52 -12.31
N SER A 173 13.41 19.86 -12.93
CA SER A 173 13.20 21.22 -13.37
C SER A 173 12.12 21.81 -12.48
N PRO B 1 19.36 0.09 0.30
CA PRO B 1 18.85 0.05 1.69
C PRO B 1 18.75 -1.37 2.29
N PRO B 2 18.82 -1.47 3.63
CA PRO B 2 18.20 -2.68 4.22
C PRO B 2 16.67 -2.76 3.89
N ARG B 3 16.17 -3.93 3.53
CA ARG B 3 14.71 -4.08 3.51
C ARG B 3 14.22 -4.02 4.95
N GLY B 4 13.03 -3.50 5.10
CA GLY B 4 12.41 -3.26 6.38
C GLY B 4 11.85 -4.53 6.96
N LYS B 5 11.03 -4.36 7.99
CA LYS B 5 10.30 -5.47 8.64
C LYS B 5 9.00 -4.96 9.24
N THR B 6 8.14 -5.90 9.61
CA THR B 6 6.83 -5.56 10.13
C THR B 6 6.54 -6.06 11.56
N VAL B 7 6.05 -5.14 12.39
CA VAL B 7 5.55 -5.47 13.69
C VAL B 7 4.05 -5.27 13.66
N TRP B 8 3.37 -6.38 13.88
CA TRP B 8 1.94 -6.47 13.77
C TRP B 8 1.29 -6.61 15.16
N PHE B 9 0.52 -5.63 15.57
CA PHE B 9 -0.04 -5.60 16.89
C PHE B 9 -1.48 -6.06 16.81
N THR B 10 -1.87 -7.03 17.65
CA THR B 10 -3.22 -7.53 17.72
C THR B 10 -3.70 -7.37 19.17
N GLY B 11 -4.99 -7.14 19.31
CA GLY B 11 -5.57 -7.05 20.63
C GLY B 11 -6.85 -6.29 20.58
N LEU B 12 -7.58 -6.33 21.69
CA LEU B 12 -8.85 -5.60 21.84
C LEU B 12 -8.71 -4.11 21.56
N SER B 13 -9.81 -3.49 21.18
CA SER B 13 -9.86 -2.03 21.09
C SER B 13 -9.55 -1.47 22.48
N GLY B 14 -8.70 -0.44 22.50
CA GLY B 14 -8.27 0.19 23.77
C GLY B 14 -7.23 -0.58 24.58
N SER B 15 -6.59 -1.59 23.98
CA SER B 15 -5.54 -2.38 24.65
C SER B 15 -4.12 -1.80 24.60
N GLY B 16 -3.92 -0.75 23.79
CA GLY B 16 -2.66 -0.02 23.74
C GLY B 16 -1.89 -0.19 22.46
N LYS B 17 -2.53 -0.72 21.43
CA LYS B 17 -1.82 -1.03 20.18
C LYS B 17 -1.25 0.23 19.59
N SER B 18 -2.11 1.23 19.37
CA SER B 18 -1.67 2.46 18.72
CA SER B 18 -1.67 2.47 18.74
C SER B 18 -0.67 3.23 19.59
N SER B 19 -0.88 3.27 20.90
CA SER B 19 0.02 4.00 21.80
C SER B 19 1.41 3.43 21.74
N VAL B 20 1.49 2.11 21.87
CA VAL B 20 2.75 1.45 21.84
C VAL B 20 3.40 1.65 20.48
N ALA B 21 2.61 1.50 19.44
CA ALA B 21 3.12 1.65 18.10
C ALA B 21 3.69 3.01 17.87
N MET B 22 2.99 4.03 18.30
CA MET B 22 3.41 5.42 18.08
CA MET B 22 3.43 5.40 18.04
C MET B 22 4.71 5.70 18.84
N LEU B 23 4.76 5.24 20.06
CA LEU B 23 5.95 5.45 20.85
C LEU B 23 7.16 4.70 20.27
N VAL B 24 6.95 3.46 19.84
CA VAL B 24 8.03 2.72 19.17
C VAL B 24 8.50 3.56 17.96
N GLU B 25 7.56 4.11 17.22
CA GLU B 25 7.90 4.86 16.02
C GLU B 25 8.82 6.01 16.34
N ARG B 26 8.48 6.78 17.36
CA ARG B 26 9.28 7.93 17.76
C ARG B 26 10.69 7.50 18.22
N LYS B 27 10.76 6.45 19.02
CA LYS B 27 12.01 6.00 19.56
C LYS B 27 12.92 5.59 18.45
N LEU B 28 12.38 4.87 17.49
CA LEU B 28 13.19 4.47 16.35
C LEU B 28 13.62 5.66 15.49
N LEU B 29 12.72 6.58 15.26
CA LEU B 29 13.01 7.70 14.40
C LEU B 29 14.10 8.55 15.05
N GLU B 30 14.05 8.71 16.36
CA GLU B 30 15.12 9.42 17.07
C GLU B 30 16.48 8.80 16.95
N LYS B 31 16.55 7.53 16.58
CA LYS B 31 17.84 6.92 16.32
C LYS B 31 18.09 6.69 14.82
N GLY B 32 17.43 7.48 13.96
CA GLY B 32 17.60 7.42 12.49
C GLY B 32 17.13 6.13 11.85
N ILE B 33 16.18 5.48 12.49
CA ILE B 33 15.60 4.26 11.95
C ILE B 33 14.26 4.64 11.44
N SER B 34 14.06 4.37 10.17
CA SER B 34 12.92 4.88 9.49
C SER B 34 11.72 3.97 9.79
N ALA B 35 10.86 4.42 10.68
CA ALA B 35 9.78 3.58 11.14
C ALA B 35 8.54 4.27 10.69
N TYR B 36 7.47 3.51 10.50
CA TYR B 36 6.20 4.06 10.09
C TYR B 36 5.04 3.25 10.61
N VAL B 37 4.09 3.97 11.17
CA VAL B 37 2.91 3.37 11.69
C VAL B 37 1.80 3.34 10.68
N LEU B 38 1.39 2.14 10.33
CA LEU B 38 0.34 1.93 9.37
C LEU B 38 -0.86 1.47 10.14
N ASP B 39 -1.73 2.41 10.34
CA ASP B 39 -2.78 2.27 11.31
C ASP B 39 -4.03 1.89 10.56
N GLY B 40 -4.60 0.76 10.99
CA GLY B 40 -5.84 0.24 10.45
C GLY B 40 -6.91 1.30 10.32
N ASP B 41 -7.10 2.03 11.43
CA ASP B 41 -8.11 3.08 11.50
C ASP B 41 -7.91 4.23 10.52
N ASN B 42 -6.68 4.72 10.37
CA ASN B 42 -6.36 5.81 9.39
CA ASN B 42 -6.38 5.80 9.41
C ASN B 42 -6.54 5.44 7.90
N LEU B 43 -6.16 4.21 7.59
CA LEU B 43 -6.26 3.70 6.24
C LEU B 43 -7.70 3.50 5.96
N ARG B 44 -8.46 3.08 6.98
CA ARG B 44 -9.90 2.93 6.79
C ARG B 44 -10.50 4.21 6.22
N HIS B 45 -9.81 5.33 6.35
CA HIS B 45 -10.36 6.60 5.87
C HIS B 45 -9.91 7.00 4.47
N GLY B 46 -9.08 6.20 3.82
CA GLY B 46 -8.70 6.55 2.43
C GLY B 46 -8.69 5.30 1.57
N LEU B 47 -7.57 4.62 1.55
CA LEU B 47 -7.50 3.37 0.86
C LEU B 47 -8.64 2.41 1.22
N ASN B 48 -8.99 2.31 2.50
CA ASN B 48 -9.93 1.33 2.98
C ASN B 48 -11.24 1.94 3.38
N ALA B 49 -11.51 3.12 2.84
CA ALA B 49 -12.74 3.85 3.06
C ALA B 49 -14.01 3.10 2.58
N ASP B 50 -13.83 2.06 1.80
CA ASP B 50 -14.95 1.28 1.25
C ASP B 50 -15.23 0.03 2.08
N LEU B 51 -14.61 -0.13 3.25
CA LEU B 51 -14.81 -1.35 4.04
C LEU B 51 -15.44 -1.12 5.42
N GLY B 52 -16.21 -2.11 5.92
CA GLY B 52 -16.77 -2.10 7.27
C GLY B 52 -16.20 -3.19 8.19
N PHE B 53 -17.05 -3.77 9.05
CA PHE B 53 -16.59 -4.67 10.11
C PHE B 53 -17.11 -6.09 10.14
N SER B 54 -17.82 -6.50 9.10
CA SER B 54 -18.06 -7.89 8.92
C SER B 54 -16.70 -8.58 8.98
N MET B 55 -16.67 -9.83 9.44
CA MET B 55 -15.41 -10.60 9.39
C MET B 55 -14.75 -10.59 7.98
N ALA B 56 -15.56 -10.70 6.92
CA ALA B 56 -15.06 -10.53 5.50
C ALA B 56 -14.35 -9.16 5.17
N ASP B 57 -14.93 -8.03 5.55
CA ASP B 57 -14.34 -6.76 5.31
C ASP B 57 -13.08 -6.56 6.16
N ARG B 58 -13.15 -6.99 7.43
CA ARG B 58 -12.02 -6.87 8.28
C ARG B 58 -10.94 -7.65 7.66
N ALA B 59 -11.24 -8.88 7.19
CA ALA B 59 -10.20 -9.69 6.56
C ALA B 59 -9.60 -8.94 5.35
N GLU B 60 -10.45 -8.23 4.60
CA GLU B 60 -10.04 -7.48 3.39
C GLU B 60 -9.18 -6.28 3.72
N ASN B 61 -9.64 -5.51 4.70
CA ASN B 61 -8.92 -4.42 5.30
C ASN B 61 -7.51 -4.87 5.72
N LEU B 62 -7.47 -5.94 6.50
CA LEU B 62 -6.25 -6.47 7.00
C LEU B 62 -5.42 -7.07 5.87
N ARG B 63 -6.07 -7.71 4.91
CA ARG B 63 -5.32 -8.25 3.74
C ARG B 63 -4.61 -7.07 3.04
N ARG B 64 -5.34 -6.00 2.83
CA ARG B 64 -4.78 -4.83 2.16
C ARG B 64 -3.66 -4.24 2.99
N LEU B 65 -3.91 -4.10 4.29
CA LEU B 65 -2.89 -3.56 5.18
C LEU B 65 -1.66 -4.38 5.09
N SER B 66 -1.79 -5.70 5.07
CA SER B 66 -0.65 -6.57 5.07
CA SER B 66 -0.67 -6.60 5.04
C SER B 66 0.18 -6.32 3.80
N HIS B 67 -0.47 -6.12 2.64
CA HIS B 67 0.28 -5.80 1.44
C HIS B 67 1.01 -4.47 1.51
N VAL B 68 0.35 -3.47 2.06
CA VAL B 68 0.93 -2.16 2.11
C VAL B 68 2.13 -2.18 3.05
N ALA B 69 1.98 -2.87 4.19
CA ALA B 69 3.11 -3.08 5.09
C ALA B 69 4.28 -3.68 4.30
N THR B 70 4.06 -4.73 3.52
CA THR B 70 5.24 -5.37 2.83
C THR B 70 5.85 -4.39 1.81
N LEU B 71 5.01 -3.50 1.28
CA LEU B 71 5.51 -2.51 0.32
C LEU B 71 6.37 -1.44 1.01
N LEU B 72 5.85 -0.93 2.13
CA LEU B 72 6.61 0.02 2.90
C LEU B 72 7.88 -0.69 3.41
N ALA B 73 7.77 -1.96 3.80
CA ALA B 73 8.95 -2.67 4.29
C ALA B 73 9.98 -2.82 3.18
N ASP B 74 9.54 -3.20 2.01
CA ASP B 74 10.42 -3.30 0.82
C ASP B 74 11.12 -1.96 0.52
N CYS B 75 10.48 -0.83 0.81
CA CYS B 75 11.11 0.49 0.71
C CYS B 75 12.06 0.77 1.84
N GLY B 76 12.29 -0.19 2.73
CA GLY B 76 13.23 -0.01 3.82
C GLY B 76 12.70 0.51 5.16
N HIS B 77 11.38 0.64 5.32
CA HIS B 77 10.85 1.05 6.62
C HIS B 77 10.59 -0.11 7.62
N LEU B 78 10.62 0.24 8.90
CA LEU B 78 10.19 -0.65 9.99
C LEU B 78 8.74 -0.32 10.19
N VAL B 79 7.87 -1.21 9.80
CA VAL B 79 6.44 -0.94 9.78
C VAL B 79 5.73 -1.41 11.05
N LEU B 80 4.93 -0.53 11.64
CA LEU B 80 4.22 -0.88 12.85
C LEU B 80 2.79 -0.85 12.49
N VAL B 81 2.10 -1.99 12.65
CA VAL B 81 0.67 -2.14 12.31
C VAL B 81 -0.20 -2.45 13.52
N PRO B 82 -0.80 -1.40 14.10
CA PRO B 82 -1.75 -1.67 15.16
C PRO B 82 -3.09 -1.85 14.52
N ALA B 83 -3.66 -3.03 14.66
CA ALA B 83 -4.98 -3.30 14.15
C ALA B 83 -5.50 -4.44 14.97
N ILE B 84 -6.77 -4.41 15.30
CA ILE B 84 -7.33 -5.42 16.19
C ILE B 84 -6.99 -6.83 15.75
N SER B 85 -7.22 -7.11 14.47
CA SER B 85 -6.94 -8.42 13.92
C SER B 85 -7.58 -9.51 14.79
N PRO B 86 -8.91 -9.52 14.92
CA PRO B 86 -9.57 -10.32 15.95
C PRO B 86 -9.48 -11.85 15.76
N LEU B 87 -9.29 -12.33 14.54
CA LEU B 87 -9.27 -13.77 14.26
C LEU B 87 -7.89 -14.32 13.94
N ALA B 88 -7.65 -15.56 14.39
CA ALA B 88 -6.37 -16.20 14.12
C ALA B 88 -6.08 -16.15 12.64
N GLU B 89 -7.10 -16.39 11.84
CA GLU B 89 -6.93 -16.48 10.42
C GLU B 89 -6.52 -15.11 9.80
N HIS B 90 -6.96 -14.02 10.43
CA HIS B 90 -6.50 -12.69 10.04
C HIS B 90 -5.01 -12.55 10.20
N ARG B 91 -4.51 -12.90 11.36
CA ARG B 91 -3.08 -12.89 11.59
C ARG B 91 -2.33 -13.88 10.71
N ALA B 92 -2.92 -15.04 10.46
CA ALA B 92 -2.26 -16.08 9.67
C ALA B 92 -2.12 -15.57 8.24
N LEU B 93 -3.16 -14.96 7.72
CA LEU B 93 -3.06 -14.30 6.43
C LEU B 93 -1.95 -13.22 6.29
N ALA B 94 -1.90 -12.28 7.24
CA ALA B 94 -0.87 -11.26 7.24
C ALA B 94 0.47 -11.89 7.26
N ARG B 95 0.64 -12.87 8.12
CA ARG B 95 1.91 -13.56 8.19
C ARG B 95 2.33 -14.18 6.87
N LYS B 96 1.36 -14.76 6.16
CA LYS B 96 1.63 -15.45 4.90
C LYS B 96 1.94 -14.44 3.82
N VAL B 97 1.27 -13.29 3.86
CA VAL B 97 1.62 -12.24 2.87
C VAL B 97 3.07 -11.82 3.09
N HIS B 98 3.48 -11.75 4.36
CA HIS B 98 4.86 -11.31 4.66
C HIS B 98 5.86 -12.38 4.28
N ALA B 99 5.51 -13.64 4.60
CA ALA B 99 6.37 -14.79 4.21
C ALA B 99 6.61 -14.77 2.71
N ASP B 100 5.51 -14.73 1.97
CA ASP B 100 5.58 -14.65 0.52
C ASP B 100 6.37 -13.48 -0.01
N ALA B 101 6.39 -12.35 0.67
CA ALA B 101 7.13 -11.18 0.19
C ALA B 101 8.57 -11.17 0.72
N GLY B 102 8.88 -12.16 1.55
CA GLY B 102 10.22 -12.29 2.10
C GLY B 102 10.52 -11.16 3.05
N ILE B 103 9.50 -10.72 3.81
CA ILE B 103 9.65 -9.67 4.83
C ILE B 103 9.45 -10.27 6.22
N ASP B 104 10.37 -9.94 7.13
CA ASP B 104 10.26 -10.40 8.52
C ASP B 104 8.99 -9.84 9.15
N PHE B 105 8.35 -10.69 9.93
CA PHE B 105 7.08 -10.44 10.50
C PHE B 105 7.09 -10.81 11.97
N PHE B 106 6.78 -9.85 12.83
CA PHE B 106 6.71 -10.11 14.26
C PHE B 106 5.31 -9.82 14.74
N GLU B 107 4.78 -10.72 15.54
CA GLU B 107 3.47 -10.53 16.15
C GLU B 107 3.53 -10.13 17.62
N VAL B 108 2.89 -9.02 17.95
CA VAL B 108 2.81 -8.53 19.33
C VAL B 108 1.36 -8.55 19.76
N PHE B 109 1.07 -9.24 20.88
CA PHE B 109 -0.27 -9.32 21.48
C PHE B 109 -0.36 -8.34 22.60
N CYS B 110 -1.23 -7.35 22.46
CA CYS B 110 -1.49 -6.38 23.56
C CYS B 110 -2.62 -6.97 24.38
N ASP B 111 -2.20 -7.73 25.38
CA ASP B 111 -3.10 -8.55 26.16
C ASP B 111 -3.54 -7.80 27.36
N THR B 112 -4.47 -6.88 27.16
CA THR B 112 -5.12 -6.11 28.22
C THR B 112 -6.55 -6.62 28.38
N PRO B 113 -6.96 -6.92 29.63
CA PRO B 113 -8.29 -7.45 29.83
C PRO B 113 -9.39 -6.51 29.38
N LEU B 114 -10.48 -7.13 28.93
CA LEU B 114 -11.63 -6.42 28.48
C LEU B 114 -12.01 -5.36 29.50
N GLN B 115 -12.05 -5.78 30.76
CA GLN B 115 -12.36 -4.91 31.89
C GLN B 115 -11.54 -3.64 31.88
N ASP B 116 -10.24 -3.80 31.69
CA ASP B 116 -9.33 -2.68 31.65
C ASP B 116 -9.58 -1.81 30.44
N CYS B 117 -9.78 -2.46 29.28
CA CYS B 117 -10.04 -1.74 28.02
C CYS B 117 -11.30 -0.90 28.08
N GLU B 118 -12.37 -1.39 28.67
CA GLU B 118 -13.54 -0.52 28.78
C GLU B 118 -13.52 0.35 30.05
N ARG B 119 -12.77 -0.03 31.08
CA ARG B 119 -12.51 0.90 32.18
C ARG B 119 -11.74 2.09 31.60
N ARG B 120 -10.89 1.84 30.62
CA ARG B 120 -10.26 2.96 29.92
C ARG B 120 -11.34 3.65 29.09
N ASP B 121 -11.95 2.88 28.18
CA ASP B 121 -12.91 3.35 27.14
C ASP B 121 -12.60 4.74 26.46
N PRO B 122 -11.47 4.86 25.77
CA PRO B 122 -11.07 6.16 25.22
C PRO B 122 -11.89 6.82 24.12
N LYS B 123 -12.52 6.08 23.21
CA LYS B 123 -13.36 6.69 22.16
C LYS B 123 -14.83 6.50 22.42
N GLY B 124 -15.17 6.04 23.62
CA GLY B 124 -16.56 5.74 23.96
C GLY B 124 -17.19 4.56 23.26
N LEU B 125 -16.40 3.70 22.63
CA LEU B 125 -17.00 2.66 21.78
C LEU B 125 -17.60 1.50 22.56
N TYR B 126 -16.98 1.14 23.68
CA TYR B 126 -17.56 0.10 24.52
C TYR B 126 -18.96 0.47 25.05
N ALA B 127 -19.08 1.69 25.55
CA ALA B 127 -20.35 2.23 26.00
C ALA B 127 -21.42 2.13 24.90
N LYS B 128 -21.10 2.59 23.70
CA LYS B 128 -22.05 2.45 22.58
C LYS B 128 -22.43 1.00 22.32
N ALA B 129 -21.43 0.14 22.34
CA ALA B 129 -21.67 -1.29 22.07
C ALA B 129 -22.54 -1.90 23.14
N ARG B 130 -22.26 -1.59 24.40
CA ARG B 130 -23.10 -2.08 25.48
C ARG B 130 -24.49 -1.51 25.37
N ALA B 131 -24.66 -0.33 24.81
CA ALA B 131 -25.97 0.28 24.67
C ALA B 131 -26.74 -0.20 23.44
N GLY B 132 -26.11 -1.01 22.61
CA GLY B 132 -26.75 -1.46 21.41
C GLY B 132 -26.64 -0.49 20.27
N GLU B 133 -25.83 0.55 20.41
CA GLU B 133 -25.72 1.55 19.35
C GLU B 133 -24.70 1.17 18.29
N ILE B 134 -23.78 0.28 18.64
CA ILE B 134 -22.89 -0.37 17.66
C ILE B 134 -23.10 -1.84 17.85
N THR B 135 -23.03 -2.61 16.79
CA THR B 135 -23.12 -4.07 16.89
C THR B 135 -21.91 -4.74 16.27
N HIS B 136 -21.74 -6.01 16.60
CA HIS B 136 -20.59 -6.79 16.18
C HIS B 136 -19.28 -6.13 16.63
N PHE B 137 -19.29 -5.62 17.86
CA PHE B 137 -18.08 -4.97 18.38
C PHE B 137 -17.23 -5.99 19.10
N THR B 138 -15.98 -6.06 18.65
CA THR B 138 -15.00 -6.97 19.16
C THR B 138 -14.95 -6.98 20.70
N GLY B 139 -15.00 -8.19 21.24
CA GLY B 139 -14.99 -8.40 22.67
C GLY B 139 -16.34 -8.32 23.36
N ILE B 140 -17.37 -7.81 22.68
CA ILE B 140 -18.71 -7.63 23.27
C ILE B 140 -19.69 -8.57 22.59
N ASP B 141 -19.89 -8.43 21.28
CA ASP B 141 -20.69 -9.40 20.53
C ASP B 141 -20.01 -9.83 19.20
N SER B 142 -18.68 -9.86 19.20
CA SER B 142 -17.92 -10.32 18.06
C SER B 142 -16.67 -10.89 18.73
N PRO B 143 -16.11 -11.97 18.18
CA PRO B 143 -15.13 -12.60 19.02
C PRO B 143 -13.73 -11.99 18.87
N TYR B 144 -12.91 -12.24 19.88
CA TYR B 144 -11.48 -11.99 19.84
C TYR B 144 -10.79 -13.32 20.14
N GLN B 145 -10.11 -13.89 19.14
CA GLN B 145 -9.34 -15.09 19.34
C GLN B 145 -7.93 -14.75 19.74
N ARG B 146 -7.55 -15.25 20.91
CA ARG B 146 -6.30 -14.87 21.54
C ARG B 146 -5.20 -15.56 20.76
N PRO B 147 -4.18 -14.81 20.34
CA PRO B 147 -2.99 -15.47 19.77
C PRO B 147 -2.39 -16.49 20.72
N LYS B 148 -2.06 -17.67 20.20
CA LYS B 148 -1.42 -18.72 21.02
C LYS B 148 0.09 -18.57 21.05
N ASN B 149 0.66 -17.92 20.03
CA ASN B 149 2.06 -17.85 19.93
C ASN B 149 2.65 -16.53 19.48
N PRO B 150 2.30 -15.44 20.13
CA PRO B 150 2.86 -14.21 19.69
C PRO B 150 4.37 -14.16 19.96
N ASP B 151 5.09 -13.32 19.22
CA ASP B 151 6.51 -13.08 19.50
C ASP B 151 6.69 -12.35 20.86
N LEU B 152 5.73 -11.53 21.24
CA LEU B 152 5.79 -10.74 22.44
C LEU B 152 4.34 -10.57 22.92
N ARG B 153 4.11 -10.71 24.23
CA ARG B 153 2.84 -10.40 24.86
C ARG B 153 3.05 -9.27 25.83
N LEU B 154 2.35 -8.17 25.59
CA LEU B 154 2.42 -7.01 26.42
C LEU B 154 1.24 -7.08 27.36
N THR B 155 1.49 -6.71 28.61
CA THR B 155 0.46 -6.72 29.65
C THR B 155 0.43 -5.36 30.34
N PRO B 156 -0.69 -4.97 30.93
CA PRO B 156 -0.74 -3.65 31.55
C PRO B 156 0.07 -3.53 32.85
N ASP B 157 1.06 -4.37 33.05
CA ASP B 157 1.98 -4.26 34.16
C ASP B 157 3.00 -3.08 34.04
N ARG B 158 3.23 -2.48 32.86
CA ARG B 158 4.24 -1.39 32.80
C ARG B 158 3.81 -0.17 32.00
N SER B 159 4.65 0.87 32.01
CA SER B 159 4.32 2.09 31.27
C SER B 159 4.36 1.82 29.75
N ILE B 160 3.67 2.68 29.01
CA ILE B 160 3.71 2.56 27.56
C ILE B 160 5.17 2.67 27.07
N ASP B 161 5.95 3.60 27.62
CA ASP B 161 7.37 3.75 27.31
C ASP B 161 8.11 2.44 27.44
N GLU B 162 7.84 1.72 28.50
CA GLU B 162 8.55 0.50 28.75
C GLU B 162 8.04 -0.61 27.87
N GLN B 163 6.75 -0.59 27.56
CA GLN B 163 6.25 -1.53 26.57
C GLN B 163 6.90 -1.32 25.18
N ALA B 164 7.05 -0.06 24.79
CA ALA B 164 7.71 0.27 23.52
C ALA B 164 9.13 -0.27 23.54
N GLN B 165 9.81 -0.05 24.66
CA GLN B 165 11.18 -0.53 24.81
C GLN B 165 11.26 -2.05 24.67
N GLU B 166 10.27 -2.79 25.16
CA GLU B 166 10.25 -4.27 24.92
C GLU B 166 10.10 -4.64 23.42
N VAL B 167 9.29 -3.86 22.70
CA VAL B 167 9.16 -4.09 21.28
C VAL B 167 10.50 -3.86 20.61
N ILE B 168 11.15 -2.76 20.99
CA ILE B 168 12.46 -2.47 20.43
C ILE B 168 13.45 -3.55 20.77
N ASP B 169 13.46 -4.02 22.01
CA ASP B 169 14.35 -5.11 22.40
C ASP B 169 14.09 -6.37 21.62
N LEU B 170 12.84 -6.65 21.32
CA LEU B 170 12.49 -7.77 20.48
C LEU B 170 13.13 -7.67 19.11
N LEU B 171 13.01 -6.48 18.52
CA LEU B 171 13.63 -6.16 17.23
C LEU B 171 15.16 -6.18 17.27
N GLU B 172 15.77 -5.81 18.40
CA GLU B 172 17.22 -5.68 18.47
C GLU B 172 17.87 -6.89 19.07
N SER B 173 17.13 -7.97 19.25
CA SER B 173 17.69 -9.18 19.80
C SER B 173 17.59 -10.25 18.73
SB ADX C . -5.28 -1.04 -15.61
O1B ADX C . -4.59 0.23 -15.37
O2B ADX C . -6.25 -0.82 -16.67
O3B ADX C . -5.99 -1.53 -14.39
PA ADX C . -2.93 -2.50 -15.23
O1A ADX C . -3.15 -2.56 -13.75
O2A ADX C . -1.82 -1.61 -15.69
O3A ADX C . -4.37 -2.21 -15.95
O5' ADX C . -2.57 -3.98 -15.67
C5' ADX C . -2.37 -4.22 -17.05
C4' ADX C . -1.39 -5.35 -17.29
O4' ADX C . -2.14 -6.55 -17.19
C3' ADX C . -0.84 -5.33 -18.71
O3' ADX C . 0.48 -4.78 -18.82
C2' ADX C . -0.91 -6.77 -19.14
O2' ADX C . 0.30 -7.30 -18.65
C1' ADX C . -1.92 -7.48 -18.28
N9 ADX C . -3.26 -7.72 -18.82
C8 ADX C . -3.91 -8.88 -18.65
N7 ADX C . -5.16 -8.81 -19.17
C5 ADX C . -5.32 -7.56 -19.62
C6 ADX C . -6.42 -6.85 -20.28
N6 ADX C . -7.54 -7.55 -20.51
N1 ADX C . -6.28 -5.55 -20.62
C2 ADX C . -5.10 -4.94 -20.40
N3 ADX C . -4.02 -5.55 -19.81
C4 ADX C . -4.10 -6.83 -19.39
PB ADP D . 4.30 -1.71 -20.54
O1B ADP D . 3.45 -2.87 -20.89
O2B ADP D . 3.88 -0.35 -21.04
O3B ADP D . 4.82 -1.76 -19.11
PA ADP D . 6.92 -2.60 -21.22
O1A ADP D . 6.74 -3.91 -20.57
O2A ADP D . 7.82 -1.52 -20.73
O3A ADP D . 5.48 -1.97 -21.56
O5' ADP D . 7.29 -3.10 -22.65
C5' ADP D . 7.53 -2.24 -23.70
C4' ADP D . 8.38 -3.07 -24.65
O4' ADP D . 8.89 -2.27 -25.70
C3' ADP D . 9.58 -3.58 -23.92
O3' ADP D . 9.86 -4.91 -24.35
C2' ADP D . 10.73 -2.72 -24.35
O2' ADP D . 11.65 -3.70 -24.76
C1' ADP D . 10.27 -1.98 -25.55
N9 ADP D . 10.43 -0.51 -25.49
C8 ADP D . 9.69 0.37 -24.78
N7 ADP D . 10.06 1.66 -25.03
C5 ADP D . 11.06 1.58 -25.91
C6 ADP D . 11.95 2.53 -26.61
N6 ADP D . 11.81 3.83 -26.37
N1 ADP D . 12.86 2.06 -27.48
C2 ADP D . 13.01 0.74 -27.70
N3 ADP D . 12.24 -0.17 -27.09
C4 ADP D . 11.28 0.17 -26.22
C1 CIT E . -5.34 15.26 -19.75
O1 CIT E . -4.08 15.13 -19.73
O2 CIT E . -6.02 15.42 -20.80
C2 CIT E . -6.13 15.25 -18.46
C3 CIT E . -6.42 13.84 -17.95
O7 CIT E . -5.34 13.40 -17.10
C4 CIT E . -7.73 13.82 -17.22
C5 CIT E . -7.50 14.64 -15.98
O3 CIT E . -8.39 15.43 -15.59
O4 CIT E . -6.41 14.50 -15.38
C6 CIT E . -6.42 12.84 -19.05
O5 CIT E . -7.33 12.90 -19.91
O6 CIT E . -5.44 12.06 -18.98
C1 EDO F . 2.92 -2.01 -16.26
O1 EDO F . 3.53 -2.72 -17.38
C2 EDO F . 1.55 -2.55 -15.87
O2 EDO F . 0.54 -2.10 -16.78
SB ADX G . -9.81 -4.82 12.32
O1B ADX G . -10.75 -5.68 13.05
O2B ADX G . -10.22 -4.83 10.88
O3B ADX G . -8.46 -5.31 12.57
PA ADX G . -9.01 -2.18 12.67
O1A ADX G . -8.71 -1.92 11.20
O2A ADX G . -8.03 -2.39 13.77
O3A ADX G . -10.07 -3.37 12.74
O5' ADX G . -9.95 -0.99 13.16
C5' ADX G . -10.45 -1.05 14.45
C4' ADX G . -11.01 0.29 14.73
O4' ADX G . -12.27 0.44 14.05
C3' ADX G . -11.27 0.33 16.22
O3' ADX G . -10.19 0.97 16.91
C2' ADX G . -12.54 1.12 16.31
O2' ADX G . -12.06 2.44 16.52
C1' ADX G . -13.23 1.00 14.95
N9 ADX G . -14.42 0.10 14.92
C8 ADX G . -15.62 0.41 14.39
N7 ADX G . -16.50 -0.61 14.48
C5 ADX G . -15.87 -1.61 15.06
C6 ADX G . -16.25 -2.97 15.45
N6 ADX G . -17.52 -3.36 15.18
N1 ADX G . -15.32 -3.74 16.12
C2 ADX G . -14.08 -3.26 16.38
N3 ADX G . -13.67 -2.01 16.05
C4 ADX G . -14.51 -1.16 15.40
PB ADP H . -5.79 0.58 20.79
O1B ADP H . -5.35 -0.84 21.12
O2B ADP H . -4.93 1.23 19.77
O3B ADP H . -7.26 0.56 20.50
PA ADP H . -4.97 2.74 22.35
O1A ADP H . -5.62 3.67 21.36
O2A ADP H . -3.49 2.56 22.36
O3A ADP H . -5.64 1.28 22.21
O5' ADP H . -5.61 3.12 23.75
C5' ADP H . -5.13 2.51 24.92
C4' ADP H . -5.48 3.43 26.07
O4' ADP H . -5.04 2.87 27.29
C3' ADP H . -4.69 4.70 25.90
O3' ADP H . -5.39 5.83 26.38
C2' ADP H . -3.49 4.53 26.76
O2' ADP H . -3.28 5.81 27.32
C1' ADP H . -3.89 3.51 27.81
N9 ADP H . -2.84 2.48 27.97
C8 ADP H . -2.44 1.59 27.05
N7 ADP H . -1.47 0.80 27.53
C5 ADP H . -1.21 1.18 28.76
C6 ADP H . -0.28 0.77 29.83
N6 ADP H . 0.57 -0.24 29.62
N1 ADP H . -0.32 1.44 30.99
C2 ADP H . -1.17 2.45 31.19
N3 ADP H . -2.04 2.87 30.26
C4 ADP H . -2.11 2.29 29.05
C1 CIT I . -0.76 -18.07 16.98
O1 CIT I . -0.02 -17.17 17.47
O2 CIT I . -1.40 -18.86 17.70
C2 CIT I . -0.94 -18.25 15.50
C3 CIT I . -1.34 -16.94 14.86
O7 CIT I . -0.21 -16.07 14.82
C4 CIT I . -1.90 -17.14 13.47
C5 CIT I . -0.99 -18.00 12.63
O3 CIT I . -1.48 -19.04 12.17
O4 CIT I . 0.21 -17.66 12.41
C6 CIT I . -2.35 -16.24 15.74
O5 CIT I . -3.28 -16.95 16.22
O6 CIT I . -2.14 -14.99 15.95
C1 EDO J . -7.00 0.63 15.20
O1 EDO J . -7.32 -0.68 15.70
C2 EDO J . -5.60 0.96 15.67
O2 EDO J . -5.63 1.23 17.07
#